data_2MU6
# 
_entry.id   2MU6 
# 
_audit_conform.dict_name       mmcif_pdbx.dic 
_audit_conform.dict_version    5.392 
_audit_conform.dict_location   http://mmcif.pdb.org/dictionaries/ascii/mmcif_pdbx.dic 
# 
loop_
_database_2.database_id 
_database_2.database_code 
_database_2.pdbx_database_accession 
_database_2.pdbx_DOI 
PDB   2MU6         pdb_00002mu6 10.2210/pdb2mu6/pdb 
RCSB  RCSB104049   ?            ?                   
BMRB  25200        ?            10.13018/BMR25200   
WWPDB D_1000104049 ?            ?                   
# 
loop_
_pdbx_audit_revision_history.ordinal 
_pdbx_audit_revision_history.data_content_type 
_pdbx_audit_revision_history.major_revision 
_pdbx_audit_revision_history.minor_revision 
_pdbx_audit_revision_history.revision_date 
1 'Structure model' 1 0 2014-12-17 
2 'Structure model' 1 1 2023-06-14 
3 'Structure model' 1 2 2024-05-15 
# 
_pdbx_audit_revision_details.ordinal             1 
_pdbx_audit_revision_details.revision_ordinal    1 
_pdbx_audit_revision_details.data_content_type   'Structure model' 
_pdbx_audit_revision_details.provider            repository 
_pdbx_audit_revision_details.type                'Initial release' 
_pdbx_audit_revision_details.description         ? 
_pdbx_audit_revision_details.details             ? 
# 
loop_
_pdbx_audit_revision_group.ordinal 
_pdbx_audit_revision_group.revision_ordinal 
_pdbx_audit_revision_group.data_content_type 
_pdbx_audit_revision_group.group 
1 2 'Structure model' 'Data collection'     
2 2 'Structure model' 'Database references' 
3 2 'Structure model' Other                 
4 3 'Structure model' 'Data collection'     
5 3 'Structure model' 'Database references' 
# 
loop_
_pdbx_audit_revision_category.ordinal 
_pdbx_audit_revision_category.revision_ordinal 
_pdbx_audit_revision_category.data_content_type 
_pdbx_audit_revision_category.category 
1 2 'Structure model' database_2           
2 2 'Structure model' pdbx_database_status 
3 2 'Structure model' pdbx_nmr_software    
4 3 'Structure model' chem_comp_atom       
5 3 'Structure model' chem_comp_bond       
6 3 'Structure model' database_2           
# 
loop_
_pdbx_audit_revision_item.ordinal 
_pdbx_audit_revision_item.revision_ordinal 
_pdbx_audit_revision_item.data_content_type 
_pdbx_audit_revision_item.item 
1 2 'Structure model' '_database_2.pdbx_DOI'                       
2 2 'Structure model' '_database_2.pdbx_database_accession'        
3 2 'Structure model' '_pdbx_database_status.status_code_nmr_data' 
4 2 'Structure model' '_pdbx_nmr_software.name'                    
5 3 'Structure model' '_database_2.pdbx_DOI'                       
# 
_pdbx_database_status.deposit_site                    BMRB 
_pdbx_database_status.entry_id                        2MU6 
_pdbx_database_status.methods_development_category    ? 
_pdbx_database_status.process_site                    RCSB 
_pdbx_database_status.recvd_initial_deposition_date   2014-09-04 
_pdbx_database_status.SG_entry                        ? 
_pdbx_database_status.status_code                     REL 
_pdbx_database_status.status_code_mr                  REL 
_pdbx_database_status.status_code_sf                  ? 
_pdbx_database_status.status_code_cs                  REL 
_pdbx_database_status.pdb_format_compatible           Y 
_pdbx_database_status.status_code_nmr_data            REL 
# 
loop_
_pdbx_database_related.db_id 
_pdbx_database_related.db_name 
_pdbx_database_related.content_type 
_pdbx_database_related.details 
25200 BMRB unspecified . 
2MTY  PDB  unspecified . 
# 
loop_
_audit_author.name 
_audit_author.pdbx_ordinal 
'Bermudez, A.'    1 
'Alba, M.P.'      2 
'Vanegas, M.'     3 
'Patarroyo, M.E.' 4 
# 
_citation.id                        primary 
_citation.title                     
'3D structure determination of STARP peptides implicated in P. falciparum invasion of hepatic cells.' 
_citation.journal_abbrev            Vaccine 
_citation.journal_volume            28 
_citation.page_first                4989 
_citation.page_last                 4996 
_citation.year                      2010 
_citation.journal_id_ASTM           ? 
_citation.country                   NE 
_citation.journal_id_ISSN           0264-410X 
_citation.journal_id_CSD            ? 
_citation.book_publisher            ? 
_citation.pdbx_database_id_PubMed   20580741 
_citation.pdbx_database_id_DOI      10.1016/j.vaccine.2010.05.025 
# 
loop_
_citation_author.citation_id 
_citation_author.name 
_citation_author.ordinal 
_citation_author.identifier_ORCID 
primary 'Bermudez, A.'    1 ? 
primary 'Alba, M.P.'      2 ? 
primary 'Vanegas, M.'     3 ? 
primary 'Patarroyo, M.E.' 4 ? 
# 
_entity.id                         1 
_entity.type                       polymer 
_entity.src_method                 syn 
_entity.pdbx_description           'STARP antigen' 
_entity.formula_weight             2392.836 
_entity.pdbx_number_of_molecules   1 
_entity.pdbx_ec                    ? 
_entity.pdbx_mutation              ? 
_entity.pdbx_fragment              'UNP residues 476-495' 
_entity.details                    ? 
# 
_entity_poly.entity_id                      1 
_entity_poly.type                           'polypeptide(L)' 
_entity_poly.nstd_linkage                   no 
_entity_poly.nstd_monomer                   no 
_entity_poly.pdbx_seq_one_letter_code       KSMINAYLDKLDLETVRKIH 
_entity_poly.pdbx_seq_one_letter_code_can   KSMINAYLDKLDLETVRKIH 
_entity_poly.pdbx_strand_id                 A 
_entity_poly.pdbx_target_identifier         ? 
# 
loop_
_entity_poly_seq.entity_id 
_entity_poly_seq.num 
_entity_poly_seq.mon_id 
_entity_poly_seq.hetero 
1 1  LYS n 
1 2  SER n 
1 3  MET n 
1 4  ILE n 
1 5  ASN n 
1 6  ALA n 
1 7  TYR n 
1 8  LEU n 
1 9  ASP n 
1 10 LYS n 
1 11 LEU n 
1 12 ASP n 
1 13 LEU n 
1 14 GLU n 
1 15 THR n 
1 16 VAL n 
1 17 ARG n 
1 18 LYS n 
1 19 ILE n 
1 20 HIS n 
# 
_pdbx_entity_src_syn.entity_id              1 
_pdbx_entity_src_syn.pdbx_src_id            1 
_pdbx_entity_src_syn.pdbx_alt_source_flag   sample 
_pdbx_entity_src_syn.pdbx_beg_seq_num       ? 
_pdbx_entity_src_syn.pdbx_end_seq_num       ? 
_pdbx_entity_src_syn.organism_scientific    'Plasmodium falciparum' 
_pdbx_entity_src_syn.organism_common_name   ? 
_pdbx_entity_src_syn.ncbi_taxonomy_id       5833 
_pdbx_entity_src_syn.details                ? 
# 
loop_
_chem_comp.id 
_chem_comp.type 
_chem_comp.mon_nstd_flag 
_chem_comp.name 
_chem_comp.pdbx_synonyms 
_chem_comp.formula 
_chem_comp.formula_weight 
ALA 'L-peptide linking' y ALANINE         ? 'C3 H7 N O2'     89.093  
ARG 'L-peptide linking' y ARGININE        ? 'C6 H15 N4 O2 1' 175.209 
ASN 'L-peptide linking' y ASPARAGINE      ? 'C4 H8 N2 O3'    132.118 
ASP 'L-peptide linking' y 'ASPARTIC ACID' ? 'C4 H7 N O4'     133.103 
GLU 'L-peptide linking' y 'GLUTAMIC ACID' ? 'C5 H9 N O4'     147.129 
HIS 'L-peptide linking' y HISTIDINE       ? 'C6 H10 N3 O2 1' 156.162 
ILE 'L-peptide linking' y ISOLEUCINE      ? 'C6 H13 N O2'    131.173 
LEU 'L-peptide linking' y LEUCINE         ? 'C6 H13 N O2'    131.173 
LYS 'L-peptide linking' y LYSINE          ? 'C6 H15 N2 O2 1' 147.195 
MET 'L-peptide linking' y METHIONINE      ? 'C5 H11 N O2 S'  149.211 
SER 'L-peptide linking' y SERINE          ? 'C3 H7 N O3'     105.093 
THR 'L-peptide linking' y THREONINE       ? 'C4 H9 N O3'     119.119 
TYR 'L-peptide linking' y TYROSINE        ? 'C9 H11 N O3'    181.189 
VAL 'L-peptide linking' y VALINE          ? 'C5 H11 N O2'    117.146 
# 
loop_
_pdbx_poly_seq_scheme.asym_id 
_pdbx_poly_seq_scheme.entity_id 
_pdbx_poly_seq_scheme.seq_id 
_pdbx_poly_seq_scheme.mon_id 
_pdbx_poly_seq_scheme.ndb_seq_num 
_pdbx_poly_seq_scheme.pdb_seq_num 
_pdbx_poly_seq_scheme.auth_seq_num 
_pdbx_poly_seq_scheme.pdb_mon_id 
_pdbx_poly_seq_scheme.auth_mon_id 
_pdbx_poly_seq_scheme.pdb_strand_id 
_pdbx_poly_seq_scheme.pdb_ins_code 
_pdbx_poly_seq_scheme.hetero 
A 1 1  LYS 1  1  1  LYS LYS A . n 
A 1 2  SER 2  2  2  SER SER A . n 
A 1 3  MET 3  3  3  MET MET A . n 
A 1 4  ILE 4  4  4  ILE ILE A . n 
A 1 5  ASN 5  5  5  ASN ASN A . n 
A 1 6  ALA 6  6  6  ALA ALA A . n 
A 1 7  TYR 7  7  7  TYR TYR A . n 
A 1 8  LEU 8  8  8  LEU LEU A . n 
A 1 9  ASP 9  9  9  ASP ASP A . n 
A 1 10 LYS 10 10 10 LYS LYS A . n 
A 1 11 LEU 11 11 11 LEU LEU A . n 
A 1 12 ASP 12 12 12 ASP ASP A . n 
A 1 13 LEU 13 13 13 LEU LEU A . n 
A 1 14 GLU 14 14 14 GLU GLU A . n 
A 1 15 THR 15 15 15 THR THR A . n 
A 1 16 VAL 16 16 16 VAL VAL A . n 
A 1 17 ARG 17 17 17 ARG ARG A . n 
A 1 18 LYS 18 18 18 LYS LYS A . n 
A 1 19 ILE 19 19 19 ILE ILE A . n 
A 1 20 HIS 20 20 20 HIS HIS A . n 
# 
_exptl.absorpt_coefficient_mu     ? 
_exptl.absorpt_correction_T_max   ? 
_exptl.absorpt_correction_T_min   ? 
_exptl.absorpt_correction_type    ? 
_exptl.absorpt_process_details    ? 
_exptl.crystals_number            ? 
_exptl.details                    ? 
_exptl.entry_id                   2MU6 
_exptl.method                     'SOLUTION NMR' 
_exptl.method_details             ? 
# 
_struct.entry_id                  2MU6 
_struct.title                     
'3D structure determination of STARP peptides implicated in P. falciparum Invasion of hepatic cells' 
_struct.pdbx_model_details        'lowest energy, model18' 
_struct.pdbx_CASP_flag            ? 
_struct.pdbx_model_type_details   ? 
# 
_struct_keywords.entry_id        2MU6 
_struct_keywords.pdbx_keywords   'PEPTIDE BINDING' 
_struct_keywords.text            'STARP, Sporozoite, Malaria Vaccine, PEPTIDE BINDING' 
# 
_struct_asym.id                            A 
_struct_asym.pdbx_blank_PDB_chainid_flag   N 
_struct_asym.pdbx_modified                 N 
_struct_asym.entity_id                     1 
_struct_asym.details                       ? 
# 
_struct_ref.id                         1 
_struct_ref.db_name                    UNP 
_struct_ref.db_code                    Q9U3Y8_PLAFA 
_struct_ref.pdbx_db_accession          Q9U3Y8 
_struct_ref.entity_id                  1 
_struct_ref.pdbx_seq_one_letter_code   KSMINAYLDKLDLETVRKIH 
_struct_ref.pdbx_align_begin           476 
_struct_ref.pdbx_db_isoform            ? 
# 
_struct_ref_seq.align_id                      1 
_struct_ref_seq.ref_id                        1 
_struct_ref_seq.pdbx_PDB_id_code              2MU6 
_struct_ref_seq.pdbx_strand_id                A 
_struct_ref_seq.seq_align_beg                 1 
_struct_ref_seq.pdbx_seq_align_beg_ins_code   ? 
_struct_ref_seq.seq_align_end                 20 
_struct_ref_seq.pdbx_seq_align_end_ins_code   ? 
_struct_ref_seq.pdbx_db_accession             Q9U3Y8 
_struct_ref_seq.db_align_beg                  476 
_struct_ref_seq.pdbx_db_align_beg_ins_code    ? 
_struct_ref_seq.db_align_end                  495 
_struct_ref_seq.pdbx_db_align_end_ins_code    ? 
_struct_ref_seq.pdbx_auth_seq_align_beg       1 
_struct_ref_seq.pdbx_auth_seq_align_end       20 
# 
_pdbx_struct_assembly.id                   1 
_pdbx_struct_assembly.details              author_defined_assembly 
_pdbx_struct_assembly.method_details       ? 
_pdbx_struct_assembly.oligomeric_details   monomeric 
_pdbx_struct_assembly.oligomeric_count     1 
# 
_pdbx_struct_assembly_gen.assembly_id       1 
_pdbx_struct_assembly_gen.oper_expression   1 
_pdbx_struct_assembly_gen.asym_id_list      A 
# 
_pdbx_struct_oper_list.id                   1 
_pdbx_struct_oper_list.type                 'identity operation' 
_pdbx_struct_oper_list.name                 1_555 
_pdbx_struct_oper_list.symmetry_operation   x,y,z 
_pdbx_struct_oper_list.matrix[1][1]         1.0000000000 
_pdbx_struct_oper_list.matrix[1][2]         0.0000000000 
_pdbx_struct_oper_list.matrix[1][3]         0.0000000000 
_pdbx_struct_oper_list.vector[1]            0.0000000000 
_pdbx_struct_oper_list.matrix[2][1]         0.0000000000 
_pdbx_struct_oper_list.matrix[2][2]         1.0000000000 
_pdbx_struct_oper_list.matrix[2][3]         0.0000000000 
_pdbx_struct_oper_list.vector[2]            0.0000000000 
_pdbx_struct_oper_list.matrix[3][1]         0.0000000000 
_pdbx_struct_oper_list.matrix[3][2]         0.0000000000 
_pdbx_struct_oper_list.matrix[3][3]         1.0000000000 
_pdbx_struct_oper_list.vector[3]            0.0000000000 
# 
_struct_biol.id        1 
_struct_biol.details   ? 
# 
_struct_conf.conf_type_id            HELX_P 
_struct_conf.id                      HELX_P1 
_struct_conf.pdbx_PDB_helix_id       1 
_struct_conf.beg_label_comp_id       MET 
_struct_conf.beg_label_asym_id       A 
_struct_conf.beg_label_seq_id        3 
_struct_conf.pdbx_beg_PDB_ins_code   ? 
_struct_conf.end_label_comp_id       VAL 
_struct_conf.end_label_asym_id       A 
_struct_conf.end_label_seq_id        16 
_struct_conf.pdbx_end_PDB_ins_code   ? 
_struct_conf.beg_auth_comp_id        MET 
_struct_conf.beg_auth_asym_id        A 
_struct_conf.beg_auth_seq_id         3 
_struct_conf.end_auth_comp_id        VAL 
_struct_conf.end_auth_asym_id        A 
_struct_conf.end_auth_seq_id         16 
_struct_conf.pdbx_PDB_helix_class    1 
_struct_conf.details                 ? 
_struct_conf.pdbx_PDB_helix_length   14 
# 
_struct_conf_type.id          HELX_P 
_struct_conf_type.criteria    ? 
_struct_conf_type.reference   ? 
# 
_pdbx_validate_rmsd_bond.id                        1 
_pdbx_validate_rmsd_bond.PDB_model_num             1 
_pdbx_validate_rmsd_bond.auth_atom_id_1            CD 
_pdbx_validate_rmsd_bond.auth_asym_id_1            A 
_pdbx_validate_rmsd_bond.auth_comp_id_1            GLU 
_pdbx_validate_rmsd_bond.auth_seq_id_1             14 
_pdbx_validate_rmsd_bond.PDB_ins_code_1            ? 
_pdbx_validate_rmsd_bond.label_alt_id_1            ? 
_pdbx_validate_rmsd_bond.auth_atom_id_2            OE2 
_pdbx_validate_rmsd_bond.auth_asym_id_2            A 
_pdbx_validate_rmsd_bond.auth_comp_id_2            GLU 
_pdbx_validate_rmsd_bond.auth_seq_id_2             14 
_pdbx_validate_rmsd_bond.PDB_ins_code_2            ? 
_pdbx_validate_rmsd_bond.label_alt_id_2            ? 
_pdbx_validate_rmsd_bond.bond_value                1.371 
_pdbx_validate_rmsd_bond.bond_target_value         1.252 
_pdbx_validate_rmsd_bond.bond_deviation            0.119 
_pdbx_validate_rmsd_bond.bond_standard_deviation   0.011 
_pdbx_validate_rmsd_bond.linker_flag               N 
# 
loop_
_pdbx_validate_rmsd_angle.id 
_pdbx_validate_rmsd_angle.PDB_model_num 
_pdbx_validate_rmsd_angle.auth_atom_id_1 
_pdbx_validate_rmsd_angle.auth_asym_id_1 
_pdbx_validate_rmsd_angle.auth_comp_id_1 
_pdbx_validate_rmsd_angle.auth_seq_id_1 
_pdbx_validate_rmsd_angle.PDB_ins_code_1 
_pdbx_validate_rmsd_angle.label_alt_id_1 
_pdbx_validate_rmsd_angle.auth_atom_id_2 
_pdbx_validate_rmsd_angle.auth_asym_id_2 
_pdbx_validate_rmsd_angle.auth_comp_id_2 
_pdbx_validate_rmsd_angle.auth_seq_id_2 
_pdbx_validate_rmsd_angle.PDB_ins_code_2 
_pdbx_validate_rmsd_angle.label_alt_id_2 
_pdbx_validate_rmsd_angle.auth_atom_id_3 
_pdbx_validate_rmsd_angle.auth_asym_id_3 
_pdbx_validate_rmsd_angle.auth_comp_id_3 
_pdbx_validate_rmsd_angle.auth_seq_id_3 
_pdbx_validate_rmsd_angle.PDB_ins_code_3 
_pdbx_validate_rmsd_angle.label_alt_id_3 
_pdbx_validate_rmsd_angle.angle_value 
_pdbx_validate_rmsd_angle.angle_target_value 
_pdbx_validate_rmsd_angle.angle_deviation 
_pdbx_validate_rmsd_angle.angle_standard_deviation 
_pdbx_validate_rmsd_angle.linker_flag 
1 1 N   A LYS 1  ? ? CA  A LYS 1  ? ? CB  A LYS 1  ? ? 99.32  110.60 -11.28 1.80 N 
2 1 CB  A ASP 9  ? ? CG  A ASP 9  ? ? OD2 A ASP 9  ? ? 112.28 118.30 -6.02  0.90 N 
3 1 CB  A ASP 12 ? ? CG  A ASP 12 ? ? OD2 A ASP 12 ? ? 112.28 118.30 -6.02  0.90 N 
4 1 NE  A ARG 17 ? ? CZ  A ARG 17 ? ? NH1 A ARG 17 ? ? 124.04 120.30 3.74   0.50 N 
5 1 ND1 A HIS 20 ? ? CE1 A HIS 20 ? ? NE2 A HIS 20 ? ? 120.28 111.50 8.78   1.30 N 
# 
loop_
_pdbx_validate_torsion.id 
_pdbx_validate_torsion.PDB_model_num 
_pdbx_validate_torsion.auth_comp_id 
_pdbx_validate_torsion.auth_asym_id 
_pdbx_validate_torsion.auth_seq_id 
_pdbx_validate_torsion.PDB_ins_code 
_pdbx_validate_torsion.label_alt_id 
_pdbx_validate_torsion.phi 
_pdbx_validate_torsion.psi 
1 1 SER A 2  ? ? -97.83  -63.85 
2 1 ARG A 17 ? ? -147.10 36.92  
# 
_pdbx_nmr_ensemble.average_constraint_violations_per_residue     ? 
_pdbx_nmr_ensemble.average_constraints_per_residue               ? 
_pdbx_nmr_ensemble.average_distance_constraint_violation         ? 
_pdbx_nmr_ensemble.average_torsion_angle_constraint_violation    ? 
_pdbx_nmr_ensemble.conformer_selection_criteria                  'structures with the lowest energy' 
_pdbx_nmr_ensemble.conformers_calculated_total_number            50 
_pdbx_nmr_ensemble.conformers_submitted_total_number             1 
_pdbx_nmr_ensemble.distance_constraint_violation_method          ? 
_pdbx_nmr_ensemble.entry_id                                      2MU6 
_pdbx_nmr_ensemble.maximum_distance_constraint_violation         ? 
_pdbx_nmr_ensemble.maximum_lower_distance_constraint_violation   ? 
_pdbx_nmr_ensemble.maximum_torsion_angle_constraint_violation    ? 
_pdbx_nmr_ensemble.maximum_upper_distance_constraint_violation   ? 
_pdbx_nmr_ensemble.representative_conformer                      1 
_pdbx_nmr_ensemble.torsion_angle_constraint_violation_method     ? 
# 
_pdbx_nmr_representative.conformer_id         1 
_pdbx_nmr_representative.entry_id             2MU6 
_pdbx_nmr_representative.selection_criteria   'lowest energy' 
# 
_pdbx_nmr_sample_details.contents         '8-9 mM protein, trifluoroethanol/water' 
_pdbx_nmr_sample_details.solution_id      1 
_pdbx_nmr_sample_details.solvent_system   trifluoroethanol/water 
# 
_pdbx_nmr_exptl_sample.component             entity-1 
_pdbx_nmr_exptl_sample.concentration         ? 
_pdbx_nmr_exptl_sample.concentration_range   8-9 
_pdbx_nmr_exptl_sample.concentration_units   mM 
_pdbx_nmr_exptl_sample.isotopic_labeling     ? 
_pdbx_nmr_exptl_sample.solution_id           1 
# 
_pdbx_nmr_exptl_sample_conditions.conditions_id       1 
_pdbx_nmr_exptl_sample_conditions.ionic_strength      ? 
_pdbx_nmr_exptl_sample_conditions.pH                  3.7 
_pdbx_nmr_exptl_sample_conditions.pressure            ambient 
_pdbx_nmr_exptl_sample_conditions.pressure_units      ? 
_pdbx_nmr_exptl_sample_conditions.temperature         295 
_pdbx_nmr_exptl_sample_conditions.temperature_units   K 
# 
loop_
_pdbx_nmr_exptl.conditions_id 
_pdbx_nmr_exptl.experiment_id 
_pdbx_nmr_exptl.solution_id 
_pdbx_nmr_exptl.type 
1 1 1 '2D 1H-1H NOESY' 
1 2 1 '2D 1H-1H TOCSY' 
1 3 1 '2D DQF-COSY'    
# 
_pdbx_nmr_refine.entry_id           2MU6 
_pdbx_nmr_refine.method             'distance geometry, simulated annealing' 
_pdbx_nmr_refine.details            ? 
_pdbx_nmr_refine.software_ordinal   1 
# 
loop_
_pdbx_nmr_software.authors 
_pdbx_nmr_software.classification 
_pdbx_nmr_software.name 
_pdbx_nmr_software.ordinal 
_pdbx_nmr_software.version 
'Accelrys Software Inc.' 'geometry optimization' 'Insight II' 1 ? 
'Accelrys Software Inc.' refinement              'Insight II' 2 ? 
# 
loop_
_chem_comp_atom.comp_id 
_chem_comp_atom.atom_id 
_chem_comp_atom.type_symbol 
_chem_comp_atom.pdbx_aromatic_flag 
_chem_comp_atom.pdbx_stereo_config 
_chem_comp_atom.pdbx_ordinal 
ALA N    N N N 1   
ALA CA   C N S 2   
ALA C    C N N 3   
ALA O    O N N 4   
ALA CB   C N N 5   
ALA OXT  O N N 6   
ALA H    H N N 7   
ALA H2   H N N 8   
ALA HA   H N N 9   
ALA HB1  H N N 10  
ALA HB2  H N N 11  
ALA HB3  H N N 12  
ALA HXT  H N N 13  
ARG N    N N N 14  
ARG CA   C N S 15  
ARG C    C N N 16  
ARG O    O N N 17  
ARG CB   C N N 18  
ARG CG   C N N 19  
ARG CD   C N N 20  
ARG NE   N N N 21  
ARG CZ   C N N 22  
ARG NH1  N N N 23  
ARG NH2  N N N 24  
ARG OXT  O N N 25  
ARG H    H N N 26  
ARG H2   H N N 27  
ARG HA   H N N 28  
ARG HB2  H N N 29  
ARG HB3  H N N 30  
ARG HG2  H N N 31  
ARG HG3  H N N 32  
ARG HD2  H N N 33  
ARG HD3  H N N 34  
ARG HE   H N N 35  
ARG HH11 H N N 36  
ARG HH12 H N N 37  
ARG HH21 H N N 38  
ARG HH22 H N N 39  
ARG HXT  H N N 40  
ASN N    N N N 41  
ASN CA   C N S 42  
ASN C    C N N 43  
ASN O    O N N 44  
ASN CB   C N N 45  
ASN CG   C N N 46  
ASN OD1  O N N 47  
ASN ND2  N N N 48  
ASN OXT  O N N 49  
ASN H    H N N 50  
ASN H2   H N N 51  
ASN HA   H N N 52  
ASN HB2  H N N 53  
ASN HB3  H N N 54  
ASN HD21 H N N 55  
ASN HD22 H N N 56  
ASN HXT  H N N 57  
ASP N    N N N 58  
ASP CA   C N S 59  
ASP C    C N N 60  
ASP O    O N N 61  
ASP CB   C N N 62  
ASP CG   C N N 63  
ASP OD1  O N N 64  
ASP OD2  O N N 65  
ASP OXT  O N N 66  
ASP H    H N N 67  
ASP H2   H N N 68  
ASP HA   H N N 69  
ASP HB2  H N N 70  
ASP HB3  H N N 71  
ASP HD2  H N N 72  
ASP HXT  H N N 73  
GLU N    N N N 74  
GLU CA   C N S 75  
GLU C    C N N 76  
GLU O    O N N 77  
GLU CB   C N N 78  
GLU CG   C N N 79  
GLU CD   C N N 80  
GLU OE1  O N N 81  
GLU OE2  O N N 82  
GLU OXT  O N N 83  
GLU H    H N N 84  
GLU H2   H N N 85  
GLU HA   H N N 86  
GLU HB2  H N N 87  
GLU HB3  H N N 88  
GLU HG2  H N N 89  
GLU HG3  H N N 90  
GLU HE2  H N N 91  
GLU HXT  H N N 92  
HIS N    N N N 93  
HIS CA   C N S 94  
HIS C    C N N 95  
HIS O    O N N 96  
HIS CB   C N N 97  
HIS CG   C Y N 98  
HIS ND1  N Y N 99  
HIS CD2  C Y N 100 
HIS CE1  C Y N 101 
HIS NE2  N Y N 102 
HIS OXT  O N N 103 
HIS H    H N N 104 
HIS H2   H N N 105 
HIS HA   H N N 106 
HIS HB2  H N N 107 
HIS HB3  H N N 108 
HIS HD1  H N N 109 
HIS HD2  H N N 110 
HIS HE1  H N N 111 
HIS HE2  H N N 112 
HIS HXT  H N N 113 
ILE N    N N N 114 
ILE CA   C N S 115 
ILE C    C N N 116 
ILE O    O N N 117 
ILE CB   C N S 118 
ILE CG1  C N N 119 
ILE CG2  C N N 120 
ILE CD1  C N N 121 
ILE OXT  O N N 122 
ILE H    H N N 123 
ILE H2   H N N 124 
ILE HA   H N N 125 
ILE HB   H N N 126 
ILE HG12 H N N 127 
ILE HG13 H N N 128 
ILE HG21 H N N 129 
ILE HG22 H N N 130 
ILE HG23 H N N 131 
ILE HD11 H N N 132 
ILE HD12 H N N 133 
ILE HD13 H N N 134 
ILE HXT  H N N 135 
LEU N    N N N 136 
LEU CA   C N S 137 
LEU C    C N N 138 
LEU O    O N N 139 
LEU CB   C N N 140 
LEU CG   C N N 141 
LEU CD1  C N N 142 
LEU CD2  C N N 143 
LEU OXT  O N N 144 
LEU H    H N N 145 
LEU H2   H N N 146 
LEU HA   H N N 147 
LEU HB2  H N N 148 
LEU HB3  H N N 149 
LEU HG   H N N 150 
LEU HD11 H N N 151 
LEU HD12 H N N 152 
LEU HD13 H N N 153 
LEU HD21 H N N 154 
LEU HD22 H N N 155 
LEU HD23 H N N 156 
LEU HXT  H N N 157 
LYS N    N N N 158 
LYS CA   C N S 159 
LYS C    C N N 160 
LYS O    O N N 161 
LYS CB   C N N 162 
LYS CG   C N N 163 
LYS CD   C N N 164 
LYS CE   C N N 165 
LYS NZ   N N N 166 
LYS OXT  O N N 167 
LYS H    H N N 168 
LYS H2   H N N 169 
LYS HA   H N N 170 
LYS HB2  H N N 171 
LYS HB3  H N N 172 
LYS HG2  H N N 173 
LYS HG3  H N N 174 
LYS HD2  H N N 175 
LYS HD3  H N N 176 
LYS HE2  H N N 177 
LYS HE3  H N N 178 
LYS HZ1  H N N 179 
LYS HZ2  H N N 180 
LYS HZ3  H N N 181 
LYS HXT  H N N 182 
MET N    N N N 183 
MET CA   C N S 184 
MET C    C N N 185 
MET O    O N N 186 
MET CB   C N N 187 
MET CG   C N N 188 
MET SD   S N N 189 
MET CE   C N N 190 
MET OXT  O N N 191 
MET H    H N N 192 
MET H2   H N N 193 
MET HA   H N N 194 
MET HB2  H N N 195 
MET HB3  H N N 196 
MET HG2  H N N 197 
MET HG3  H N N 198 
MET HE1  H N N 199 
MET HE2  H N N 200 
MET HE3  H N N 201 
MET HXT  H N N 202 
SER N    N N N 203 
SER CA   C N S 204 
SER C    C N N 205 
SER O    O N N 206 
SER CB   C N N 207 
SER OG   O N N 208 
SER OXT  O N N 209 
SER H    H N N 210 
SER H2   H N N 211 
SER HA   H N N 212 
SER HB2  H N N 213 
SER HB3  H N N 214 
SER HG   H N N 215 
SER HXT  H N N 216 
THR N    N N N 217 
THR CA   C N S 218 
THR C    C N N 219 
THR O    O N N 220 
THR CB   C N R 221 
THR OG1  O N N 222 
THR CG2  C N N 223 
THR OXT  O N N 224 
THR H    H N N 225 
THR H2   H N N 226 
THR HA   H N N 227 
THR HB   H N N 228 
THR HG1  H N N 229 
THR HG21 H N N 230 
THR HG22 H N N 231 
THR HG23 H N N 232 
THR HXT  H N N 233 
TYR N    N N N 234 
TYR CA   C N S 235 
TYR C    C N N 236 
TYR O    O N N 237 
TYR CB   C N N 238 
TYR CG   C Y N 239 
TYR CD1  C Y N 240 
TYR CD2  C Y N 241 
TYR CE1  C Y N 242 
TYR CE2  C Y N 243 
TYR CZ   C Y N 244 
TYR OH   O N N 245 
TYR OXT  O N N 246 
TYR H    H N N 247 
TYR H2   H N N 248 
TYR HA   H N N 249 
TYR HB2  H N N 250 
TYR HB3  H N N 251 
TYR HD1  H N N 252 
TYR HD2  H N N 253 
TYR HE1  H N N 254 
TYR HE2  H N N 255 
TYR HH   H N N 256 
TYR HXT  H N N 257 
VAL N    N N N 258 
VAL CA   C N S 259 
VAL C    C N N 260 
VAL O    O N N 261 
VAL CB   C N N 262 
VAL CG1  C N N 263 
VAL CG2  C N N 264 
VAL OXT  O N N 265 
VAL H    H N N 266 
VAL H2   H N N 267 
VAL HA   H N N 268 
VAL HB   H N N 269 
VAL HG11 H N N 270 
VAL HG12 H N N 271 
VAL HG13 H N N 272 
VAL HG21 H N N 273 
VAL HG22 H N N 274 
VAL HG23 H N N 275 
VAL HXT  H N N 276 
# 
loop_
_chem_comp_bond.comp_id 
_chem_comp_bond.atom_id_1 
_chem_comp_bond.atom_id_2 
_chem_comp_bond.value_order 
_chem_comp_bond.pdbx_aromatic_flag 
_chem_comp_bond.pdbx_stereo_config 
_chem_comp_bond.pdbx_ordinal 
ALA N   CA   sing N N 1   
ALA N   H    sing N N 2   
ALA N   H2   sing N N 3   
ALA CA  C    sing N N 4   
ALA CA  CB   sing N N 5   
ALA CA  HA   sing N N 6   
ALA C   O    doub N N 7   
ALA C   OXT  sing N N 8   
ALA CB  HB1  sing N N 9   
ALA CB  HB2  sing N N 10  
ALA CB  HB3  sing N N 11  
ALA OXT HXT  sing N N 12  
ARG N   CA   sing N N 13  
ARG N   H    sing N N 14  
ARG N   H2   sing N N 15  
ARG CA  C    sing N N 16  
ARG CA  CB   sing N N 17  
ARG CA  HA   sing N N 18  
ARG C   O    doub N N 19  
ARG C   OXT  sing N N 20  
ARG CB  CG   sing N N 21  
ARG CB  HB2  sing N N 22  
ARG CB  HB3  sing N N 23  
ARG CG  CD   sing N N 24  
ARG CG  HG2  sing N N 25  
ARG CG  HG3  sing N N 26  
ARG CD  NE   sing N N 27  
ARG CD  HD2  sing N N 28  
ARG CD  HD3  sing N N 29  
ARG NE  CZ   sing N N 30  
ARG NE  HE   sing N N 31  
ARG CZ  NH1  sing N N 32  
ARG CZ  NH2  doub N N 33  
ARG NH1 HH11 sing N N 34  
ARG NH1 HH12 sing N N 35  
ARG NH2 HH21 sing N N 36  
ARG NH2 HH22 sing N N 37  
ARG OXT HXT  sing N N 38  
ASN N   CA   sing N N 39  
ASN N   H    sing N N 40  
ASN N   H2   sing N N 41  
ASN CA  C    sing N N 42  
ASN CA  CB   sing N N 43  
ASN CA  HA   sing N N 44  
ASN C   O    doub N N 45  
ASN C   OXT  sing N N 46  
ASN CB  CG   sing N N 47  
ASN CB  HB2  sing N N 48  
ASN CB  HB3  sing N N 49  
ASN CG  OD1  doub N N 50  
ASN CG  ND2  sing N N 51  
ASN ND2 HD21 sing N N 52  
ASN ND2 HD22 sing N N 53  
ASN OXT HXT  sing N N 54  
ASP N   CA   sing N N 55  
ASP N   H    sing N N 56  
ASP N   H2   sing N N 57  
ASP CA  C    sing N N 58  
ASP CA  CB   sing N N 59  
ASP CA  HA   sing N N 60  
ASP C   O    doub N N 61  
ASP C   OXT  sing N N 62  
ASP CB  CG   sing N N 63  
ASP CB  HB2  sing N N 64  
ASP CB  HB3  sing N N 65  
ASP CG  OD1  doub N N 66  
ASP CG  OD2  sing N N 67  
ASP OD2 HD2  sing N N 68  
ASP OXT HXT  sing N N 69  
GLU N   CA   sing N N 70  
GLU N   H    sing N N 71  
GLU N   H2   sing N N 72  
GLU CA  C    sing N N 73  
GLU CA  CB   sing N N 74  
GLU CA  HA   sing N N 75  
GLU C   O    doub N N 76  
GLU C   OXT  sing N N 77  
GLU CB  CG   sing N N 78  
GLU CB  HB2  sing N N 79  
GLU CB  HB3  sing N N 80  
GLU CG  CD   sing N N 81  
GLU CG  HG2  sing N N 82  
GLU CG  HG3  sing N N 83  
GLU CD  OE1  doub N N 84  
GLU CD  OE2  sing N N 85  
GLU OE2 HE2  sing N N 86  
GLU OXT HXT  sing N N 87  
HIS N   CA   sing N N 88  
HIS N   H    sing N N 89  
HIS N   H2   sing N N 90  
HIS CA  C    sing N N 91  
HIS CA  CB   sing N N 92  
HIS CA  HA   sing N N 93  
HIS C   O    doub N N 94  
HIS C   OXT  sing N N 95  
HIS CB  CG   sing N N 96  
HIS CB  HB2  sing N N 97  
HIS CB  HB3  sing N N 98  
HIS CG  ND1  sing Y N 99  
HIS CG  CD2  doub Y N 100 
HIS ND1 CE1  doub Y N 101 
HIS ND1 HD1  sing N N 102 
HIS CD2 NE2  sing Y N 103 
HIS CD2 HD2  sing N N 104 
HIS CE1 NE2  sing Y N 105 
HIS CE1 HE1  sing N N 106 
HIS NE2 HE2  sing N N 107 
HIS OXT HXT  sing N N 108 
ILE N   CA   sing N N 109 
ILE N   H    sing N N 110 
ILE N   H2   sing N N 111 
ILE CA  C    sing N N 112 
ILE CA  CB   sing N N 113 
ILE CA  HA   sing N N 114 
ILE C   O    doub N N 115 
ILE C   OXT  sing N N 116 
ILE CB  CG1  sing N N 117 
ILE CB  CG2  sing N N 118 
ILE CB  HB   sing N N 119 
ILE CG1 CD1  sing N N 120 
ILE CG1 HG12 sing N N 121 
ILE CG1 HG13 sing N N 122 
ILE CG2 HG21 sing N N 123 
ILE CG2 HG22 sing N N 124 
ILE CG2 HG23 sing N N 125 
ILE CD1 HD11 sing N N 126 
ILE CD1 HD12 sing N N 127 
ILE CD1 HD13 sing N N 128 
ILE OXT HXT  sing N N 129 
LEU N   CA   sing N N 130 
LEU N   H    sing N N 131 
LEU N   H2   sing N N 132 
LEU CA  C    sing N N 133 
LEU CA  CB   sing N N 134 
LEU CA  HA   sing N N 135 
LEU C   O    doub N N 136 
LEU C   OXT  sing N N 137 
LEU CB  CG   sing N N 138 
LEU CB  HB2  sing N N 139 
LEU CB  HB3  sing N N 140 
LEU CG  CD1  sing N N 141 
LEU CG  CD2  sing N N 142 
LEU CG  HG   sing N N 143 
LEU CD1 HD11 sing N N 144 
LEU CD1 HD12 sing N N 145 
LEU CD1 HD13 sing N N 146 
LEU CD2 HD21 sing N N 147 
LEU CD2 HD22 sing N N 148 
LEU CD2 HD23 sing N N 149 
LEU OXT HXT  sing N N 150 
LYS N   CA   sing N N 151 
LYS N   H    sing N N 152 
LYS N   H2   sing N N 153 
LYS CA  C    sing N N 154 
LYS CA  CB   sing N N 155 
LYS CA  HA   sing N N 156 
LYS C   O    doub N N 157 
LYS C   OXT  sing N N 158 
LYS CB  CG   sing N N 159 
LYS CB  HB2  sing N N 160 
LYS CB  HB3  sing N N 161 
LYS CG  CD   sing N N 162 
LYS CG  HG2  sing N N 163 
LYS CG  HG3  sing N N 164 
LYS CD  CE   sing N N 165 
LYS CD  HD2  sing N N 166 
LYS CD  HD3  sing N N 167 
LYS CE  NZ   sing N N 168 
LYS CE  HE2  sing N N 169 
LYS CE  HE3  sing N N 170 
LYS NZ  HZ1  sing N N 171 
LYS NZ  HZ2  sing N N 172 
LYS NZ  HZ3  sing N N 173 
LYS OXT HXT  sing N N 174 
MET N   CA   sing N N 175 
MET N   H    sing N N 176 
MET N   H2   sing N N 177 
MET CA  C    sing N N 178 
MET CA  CB   sing N N 179 
MET CA  HA   sing N N 180 
MET C   O    doub N N 181 
MET C   OXT  sing N N 182 
MET CB  CG   sing N N 183 
MET CB  HB2  sing N N 184 
MET CB  HB3  sing N N 185 
MET CG  SD   sing N N 186 
MET CG  HG2  sing N N 187 
MET CG  HG3  sing N N 188 
MET SD  CE   sing N N 189 
MET CE  HE1  sing N N 190 
MET CE  HE2  sing N N 191 
MET CE  HE3  sing N N 192 
MET OXT HXT  sing N N 193 
SER N   CA   sing N N 194 
SER N   H    sing N N 195 
SER N   H2   sing N N 196 
SER CA  C    sing N N 197 
SER CA  CB   sing N N 198 
SER CA  HA   sing N N 199 
SER C   O    doub N N 200 
SER C   OXT  sing N N 201 
SER CB  OG   sing N N 202 
SER CB  HB2  sing N N 203 
SER CB  HB3  sing N N 204 
SER OG  HG   sing N N 205 
SER OXT HXT  sing N N 206 
THR N   CA   sing N N 207 
THR N   H    sing N N 208 
THR N   H2   sing N N 209 
THR CA  C    sing N N 210 
THR CA  CB   sing N N 211 
THR CA  HA   sing N N 212 
THR C   O    doub N N 213 
THR C   OXT  sing N N 214 
THR CB  OG1  sing N N 215 
THR CB  CG2  sing N N 216 
THR CB  HB   sing N N 217 
THR OG1 HG1  sing N N 218 
THR CG2 HG21 sing N N 219 
THR CG2 HG22 sing N N 220 
THR CG2 HG23 sing N N 221 
THR OXT HXT  sing N N 222 
TYR N   CA   sing N N 223 
TYR N   H    sing N N 224 
TYR N   H2   sing N N 225 
TYR CA  C    sing N N 226 
TYR CA  CB   sing N N 227 
TYR CA  HA   sing N N 228 
TYR C   O    doub N N 229 
TYR C   OXT  sing N N 230 
TYR CB  CG   sing N N 231 
TYR CB  HB2  sing N N 232 
TYR CB  HB3  sing N N 233 
TYR CG  CD1  doub Y N 234 
TYR CG  CD2  sing Y N 235 
TYR CD1 CE1  sing Y N 236 
TYR CD1 HD1  sing N N 237 
TYR CD2 CE2  doub Y N 238 
TYR CD2 HD2  sing N N 239 
TYR CE1 CZ   doub Y N 240 
TYR CE1 HE1  sing N N 241 
TYR CE2 CZ   sing Y N 242 
TYR CE2 HE2  sing N N 243 
TYR CZ  OH   sing N N 244 
TYR OH  HH   sing N N 245 
TYR OXT HXT  sing N N 246 
VAL N   CA   sing N N 247 
VAL N   H    sing N N 248 
VAL N   H2   sing N N 249 
VAL CA  C    sing N N 250 
VAL CA  CB   sing N N 251 
VAL CA  HA   sing N N 252 
VAL C   O    doub N N 253 
VAL C   OXT  sing N N 254 
VAL CB  CG1  sing N N 255 
VAL CB  CG2  sing N N 256 
VAL CB  HB   sing N N 257 
VAL CG1 HG11 sing N N 258 
VAL CG1 HG12 sing N N 259 
VAL CG1 HG13 sing N N 260 
VAL CG2 HG21 sing N N 261 
VAL CG2 HG22 sing N N 262 
VAL CG2 HG23 sing N N 263 
VAL OXT HXT  sing N N 264 
# 
_pdbx_nmr_spectrometer.field_strength    600 
_pdbx_nmr_spectrometer.manufacturer      Bruker 
_pdbx_nmr_spectrometer.model             DRX 
_pdbx_nmr_spectrometer.spectrometer_id   1 
_pdbx_nmr_spectrometer.type              'Bruker DRX' 
# 
_atom_sites.entry_id                    2MU6 
_atom_sites.fract_transf_matrix[1][1]   1.000000 
_atom_sites.fract_transf_matrix[1][2]   0.000000 
_atom_sites.fract_transf_matrix[1][3]   0.000000 
_atom_sites.fract_transf_matrix[2][1]   0.000000 
_atom_sites.fract_transf_matrix[2][2]   1.000000 
_atom_sites.fract_transf_matrix[2][3]   0.000000 
_atom_sites.fract_transf_matrix[3][1]   0.000000 
_atom_sites.fract_transf_matrix[3][2]   0.000000 
_atom_sites.fract_transf_matrix[3][3]   1.000000 
_atom_sites.fract_transf_vector[1]      0.00000 
_atom_sites.fract_transf_vector[2]      0.00000 
_atom_sites.fract_transf_vector[3]      0.00000 
# 
loop_
_atom_type.symbol 
C 
H 
N 
O 
S 
# 
loop_
_atom_site.group_PDB 
_atom_site.id 
_atom_site.type_symbol 
_atom_site.label_atom_id 
_atom_site.label_alt_id 
_atom_site.label_comp_id 
_atom_site.label_asym_id 
_atom_site.label_entity_id 
_atom_site.label_seq_id 
_atom_site.pdbx_PDB_ins_code 
_atom_site.Cartn_x 
_atom_site.Cartn_y 
_atom_site.Cartn_z 
_atom_site.occupancy 
_atom_site.B_iso_or_equiv 
_atom_site.pdbx_formal_charge 
_atom_site.auth_seq_id 
_atom_site.auth_comp_id 
_atom_site.auth_asym_id 
_atom_site.auth_atom_id 
_atom_site.pdbx_PDB_model_num 
ATOM 1   N N    . LYS A 1 1  ? -7.910  -5.447  -11.707 1.00 0.00 ? 1  LYS A N    1 
ATOM 2   C CA   . LYS A 1 1  ? -6.869  -4.736  -10.962 1.00 0.00 ? 1  LYS A CA   1 
ATOM 3   C C    . LYS A 1 1  ? -6.202  -3.608  -11.801 1.00 0.00 ? 1  LYS A C    1 
ATOM 4   O O    . LYS A 1 1  ? -5.016  -3.647  -12.139 1.00 0.00 ? 1  LYS A O    1 
ATOM 5   C CB   . LYS A 1 1  ? -5.942  -5.941  -10.613 1.00 0.00 ? 1  LYS A CB   1 
ATOM 6   C CG   . LYS A 1 1  ? -6.325  -6.679  -9.311  1.00 0.00 ? 1  LYS A CG   1 
ATOM 7   C CD   . LYS A 1 1  ? -5.458  -7.925  -9.079  1.00 0.00 ? 1  LYS A CD   1 
ATOM 8   C CE   . LYS A 1 1  ? -5.717  -8.593  -7.718  1.00 0.00 ? 1  LYS A CE   1 
ATOM 9   N NZ   . LYS A 1 1  ? -4.876  -9.791  -7.538  1.00 0.00 ? 1  LYS A NZ   1 
ATOM 10  H H1   . LYS A 1 1  ? -7.556  -6.383  -11.898 1.00 0.00 ? 1  LYS A H1   1 
ATOM 11  H HA   . LYS A 1 1  ? -7.278  -4.277  -10.036 1.00 0.00 ? 1  LYS A HA   1 
ATOM 12  H HB2  . LYS A 1 1  ? -5.840  -6.670  -11.447 1.00 0.00 ? 1  LYS A HB2  1 
ATOM 13  H HB3  . LYS A 1 1  ? -4.916  -5.591  -10.529 1.00 0.00 ? 1  LYS A HB3  1 
ATOM 14  H HG2  . LYS A 1 1  ? -6.225  -5.953  -8.498  1.00 0.00 ? 1  LYS A HG2  1 
ATOM 15  H HG3  . LYS A 1 1  ? -7.392  -6.973  -9.277  1.00 0.00 ? 1  LYS A HG3  1 
ATOM 16  H HD2  . LYS A 1 1  ? -5.661  -8.641  -9.901  1.00 0.00 ? 1  LYS A HD2  1 
ATOM 17  H HD3  . LYS A 1 1  ? -4.392  -7.645  -9.173  1.00 0.00 ? 1  LYS A HD3  1 
ATOM 18  H HE2  . LYS A 1 1  ? -5.515  -7.884  -6.894  1.00 0.00 ? 1  LYS A HE2  1 
ATOM 19  H HE3  . LYS A 1 1  ? -6.781  -8.884  -7.625  1.00 0.00 ? 1  LYS A HE3  1 
ATOM 20  H HZ1  . LYS A 1 1  ? -5.053  -10.461 -8.294  1.00 0.00 ? 1  LYS A HZ1  1 
ATOM 21  H HZ2  . LYS A 1 1  ? -3.884  -9.539  -7.619  1.00 0.00 ? 1  LYS A HZ2  1 
ATOM 22  N N    . SER A 1 2  ? -7.018  -2.586  -12.098 1.00 0.00 ? 2  SER A N    1 
ATOM 23  C CA   . SER A 1 2  ? -6.612  -1.372  -12.842 1.00 0.00 ? 2  SER A CA   1 
ATOM 24  C C    . SER A 1 2  ? -6.301  -0.231  -11.833 1.00 0.00 ? 2  SER A C    1 
ATOM 25  O O    . SER A 1 2  ? -5.156  0.221   -11.748 1.00 0.00 ? 2  SER A O    1 
ATOM 26  C CB   . SER A 1 2  ? -7.662  -1.000  -13.918 1.00 0.00 ? 2  SER A CB   1 
ATOM 27  O OG   . SER A 1 2  ? -7.773  -2.023  -14.904 1.00 0.00 ? 2  SER A OG   1 
ATOM 28  H H    . SER A 1 2  ? -8.001  -2.817  -11.969 1.00 0.00 ? 2  SER A H    1 
ATOM 29  H HA   . SER A 1 2  ? -5.692  -1.602  -13.381 1.00 0.00 ? 2  SER A HA   1 
ATOM 30  H HB2  . SER A 1 2  ? -8.655  -0.818  -13.466 1.00 0.00 ? 2  SER A HB2  1 
ATOM 31  H HB3  . SER A 1 2  ? -7.376  -0.057  -14.420 1.00 0.00 ? 2  SER A HB3  1 
ATOM 32  H HG   . SER A 1 2  ? -6.899  -2.112  -15.293 1.00 0.00 ? 2  SER A HG   1 
ATOM 33  N N    . MET A 1 3  ? -7.324  0.210   -11.077 1.00 0.00 ? 3  MET A N    1 
ATOM 34  C CA   . MET A 1 3  ? -7.208  1.251   -10.031 1.00 0.00 ? 3  MET A CA   1 
ATOM 35  C C    . MET A 1 3  ? -6.944  0.684   -8.596  1.00 0.00 ? 3  MET A C    1 
ATOM 36  O O    . MET A 1 3  ? -6.168  1.288   -7.852  1.00 0.00 ? 3  MET A O    1 
ATOM 37  C CB   . MET A 1 3  ? -8.466  2.162   -10.023 1.00 0.00 ? 3  MET A CB   1 
ATOM 38  C CG   . MET A 1 3  ? -8.732  2.927   -11.329 1.00 0.00 ? 3  MET A CG   1 
ATOM 39  S SD   . MET A 1 3  ? -10.013 4.171   -11.049 1.00 0.00 ? 3  MET A SD   1 
ATOM 40  C CE   . MET A 1 3  ? -10.109 4.926   -12.683 1.00 0.00 ? 3  MET A CE   1 
ATOM 41  H H    . MET A 1 3  ? -8.236  -0.078  -11.419 1.00 0.00 ? 3  MET A H    1 
ATOM 42  H HA   . MET A 1 3  ? -6.362  1.891   -10.300 1.00 0.00 ? 3  MET A HA   1 
ATOM 43  H HB2  . MET A 1 3  ? -9.368  1.581   -9.751  1.00 0.00 ? 3  MET A HB2  1 
ATOM 44  H HB3  . MET A 1 3  ? -8.355  2.914   -9.222  1.00 0.00 ? 3  MET A HB3  1 
ATOM 45  H HG2  . MET A 1 3  ? -7.808  3.417   -11.682 1.00 0.00 ? 3  MET A HG2  1 
ATOM 46  H HG3  . MET A 1 3  ? -9.053  2.236   -12.131 1.00 0.00 ? 3  MET A HG3  1 
ATOM 47  H HE1  . MET A 1 3  ? -10.867 5.730   -12.695 1.00 0.00 ? 3  MET A HE1  1 
ATOM 48  H HE2  . MET A 1 3  ? -10.392 4.178   -13.447 1.00 0.00 ? 3  MET A HE2  1 
ATOM 49  H HE3  . MET A 1 3  ? -9.137  5.367   -12.972 1.00 0.00 ? 3  MET A HE3  1 
ATOM 50  N N    . ILE A 1 4  ? -7.574  -0.454  -8.216  1.00 0.00 ? 4  ILE A N    1 
ATOM 51  C CA   . ILE A 1 4  ? -7.419  -1.101  -6.879  1.00 0.00 ? 4  ILE A CA   1 
ATOM 52  C C    . ILE A 1 4  ? -5.991  -1.629  -6.515  1.00 0.00 ? 4  ILE A C    1 
ATOM 53  O O    . ILE A 1 4  ? -5.599  -1.510  -5.350  1.00 0.00 ? 4  ILE A O    1 
ATOM 54  C CB   . ILE A 1 4  ? -8.584  -2.122  -6.609  1.00 0.00 ? 4  ILE A CB   1 
ATOM 55  C CG1  . ILE A 1 4  ? -8.652  -2.575  -5.120  1.00 0.00 ? 4  ILE A CG1  1 
ATOM 56  C CG2  . ILE A 1 4  ? -8.564  -3.336  -7.571  1.00 0.00 ? 4  ILE A CG2  1 
ATOM 57  C CD1  . ILE A 1 4  ? -9.971  -3.229  -4.676  1.00 0.00 ? 4  ILE A CD1  1 
ATOM 58  H H    . ILE A 1 4  ? -8.012  -0.955  -8.992  1.00 0.00 ? 4  ILE A H    1 
ATOM 59  H HA   . ILE A 1 4  ? -7.603  -0.281  -6.184  1.00 0.00 ? 4  ILE A HA   1 
ATOM 60  H HB   . ILE A 1 4  ? -9.537  -1.585  -6.791  1.00 0.00 ? 4  ILE A HB   1 
ATOM 61  H HG12 . ILE A 1 4  ? -7.816  -3.264  -4.895  1.00 0.00 ? 4  ILE A HG12 1 
ATOM 62  H HG13 . ILE A 1 4  ? -8.486  -1.700  -4.464  1.00 0.00 ? 4  ILE A HG13 1 
ATOM 63  H HG21 . ILE A 1 4  ? -7.658  -3.954  -7.430  1.00 0.00 ? 4  ILE A HG21 1 
ATOM 64  H HG22 . ILE A 1 4  ? -9.443  -3.988  -7.428  1.00 0.00 ? 4  ILE A HG22 1 
ATOM 65  H HG23 . ILE A 1 4  ? -8.582  -3.008  -8.625  1.00 0.00 ? 4  ILE A HG23 1 
ATOM 66  H HD11 . ILE A 1 4  ? -10.835 -2.562  -4.849  1.00 0.00 ? 4  ILE A HD11 1 
ATOM 67  H HD12 . ILE A 1 4  ? -10.166 -4.177  -5.212  1.00 0.00 ? 4  ILE A HD12 1 
ATOM 68  H HD13 . ILE A 1 4  ? -9.950  -3.467  -3.597  1.00 0.00 ? 4  ILE A HD13 1 
ATOM 69  N N    . ASN A 1 5  ? -5.231  -2.197  -7.474  1.00 0.00 ? 5  ASN A N    1 
ATOM 70  C CA   . ASN A 1 5  ? -3.844  -2.691  -7.257  1.00 0.00 ? 5  ASN A CA   1 
ATOM 71  C C    . ASN A 1 5  ? -2.853  -1.623  -6.700  1.00 0.00 ? 5  ASN A C    1 
ATOM 72  O O    . ASN A 1 5  ? -2.202  -1.833  -5.674  1.00 0.00 ? 5  ASN A O    1 
ATOM 73  C CB   . ASN A 1 5  ? -3.360  -3.383  -8.561  1.00 0.00 ? 5  ASN A CB   1 
ATOM 74  C CG   . ASN A 1 5  ? -3.017  -2.546  -9.817  1.00 0.00 ? 5  ASN A CG   1 
ATOM 75  O OD1  . ASN A 1 5  ? -3.762  -1.656  -10.220 1.00 0.00 ? 5  ASN A OD1  1 
ATOM 76  N ND2  . ASN A 1 5  ? -1.897  -2.822  -10.467 1.00 0.00 ? 5  ASN A ND2  1 
ATOM 77  H H    . ASN A 1 5  ? -5.631  -2.227  -8.411  1.00 0.00 ? 5  ASN A H    1 
ATOM 78  H HA   . ASN A 1 5  ? -3.926  -3.488  -6.499  1.00 0.00 ? 5  ASN A HA   1 
ATOM 79  H HB2  . ASN A 1 5  ? -2.506  -4.014  -8.288  1.00 0.00 ? 5  ASN A HB2  1 
ATOM 80  H HB3  . ASN A 1 5  ? -4.141  -4.084  -8.878  1.00 0.00 ? 5  ASN A HB3  1 
ATOM 81  H HD21 . ASN A 1 5  ? -1.320  -3.579  -10.085 1.00 0.00 ? 5  ASN A HD21 1 
ATOM 82  H HD22 . ASN A 1 5  ? -1.698  -2.256  -11.300 1.00 0.00 ? 5  ASN A HD22 1 
ATOM 83  N N    . ALA A 1 6  ? -2.806  -0.480  -7.399  1.00 0.00 ? 6  ALA A N    1 
ATOM 84  C CA   . ALA A 1 6  ? -1.982  0.697   -7.037  1.00 0.00 ? 6  ALA A CA   1 
ATOM 85  C C    . ALA A 1 6  ? -2.390  1.400   -5.703  1.00 0.00 ? 6  ALA A C    1 
ATOM 86  O O    . ALA A 1 6  ? -1.510  1.904   -5.000  1.00 0.00 ? 6  ALA A O    1 
ATOM 87  C CB   . ALA A 1 6  ? -1.999  1.691   -8.213  1.00 0.00 ? 6  ALA A CB   1 
ATOM 88  H H    . ALA A 1 6  ? -3.340  -0.572  -8.268  1.00 0.00 ? 6  ALA A H    1 
ATOM 89  H HA   . ALA A 1 6  ? -0.949  0.333   -6.935  1.00 0.00 ? 6  ALA A HA   1 
ATOM 90  H HB1  . ALA A 1 6  ? -1.643  1.225   -9.153  1.00 0.00 ? 6  ALA A HB1  1 
ATOM 91  H HB2  . ALA A 1 6  ? -1.336  2.556   -8.021  1.00 0.00 ? 6  ALA A HB2  1 
ATOM 92  H HB3  . ALA A 1 6  ? -3.012  2.093   -8.409  1.00 0.00 ? 6  ALA A HB3  1 
ATOM 93  N N    . TYR A 1 7  ? -3.701  1.426   -5.363  1.00 0.00 ? 7  TYR A N    1 
ATOM 94  C CA   . TYR A 1 7  ? -4.214  2.021   -4.094  1.00 0.00 ? 7  TYR A CA   1 
ATOM 95  C C    . TYR A 1 7  ? -3.731  1.231   -2.841  1.00 0.00 ? 7  TYR A C    1 
ATOM 96  O O    . TYR A 1 7  ? -3.033  1.801   -1.998  1.00 0.00 ? 7  TYR A O    1 
ATOM 97  C CB   . TYR A 1 7  ? -5.767  2.182   -4.108  1.00 0.00 ? 7  TYR A CB   1 
ATOM 98  C CG   . TYR A 1 7  ? -6.454  3.085   -5.158  1.00 0.00 ? 7  TYR A CG   1 
ATOM 99  C CD1  . TYR A 1 7  ? -5.815  4.173   -5.771  1.00 0.00 ? 7  TYR A CD1  1 
ATOM 100 C CD2  . TYR A 1 7  ? -7.795  2.824   -5.471  1.00 0.00 ? 7  TYR A CD2  1 
ATOM 101 C CE1  . TYR A 1 7  ? -6.496  4.965   -6.692  1.00 0.00 ? 7  TYR A CE1  1 
ATOM 102 C CE2  . TYR A 1 7  ? -8.476  3.621   -6.388  1.00 0.00 ? 7  TYR A CE2  1 
ATOM 103 C CZ   . TYR A 1 7  ? -7.826  4.689   -6.999  1.00 0.00 ? 7  TYR A CZ   1 
ATOM 104 O OH   . TYR A 1 7  ? -8.494  5.464   -7.914  1.00 0.00 ? 7  TYR A OH   1 
ATOM 105 H H    . TYR A 1 7  ? -4.302  0.922   -6.029  1.00 0.00 ? 7  TYR A H    1 
ATOM 106 H HA   . TYR A 1 7  ? -3.788  3.033   -4.000  1.00 0.00 ? 7  TYR A HA   1 
ATOM 107 H HB2  . TYR A 1 7  ? -6.213  1.168   -4.160  1.00 0.00 ? 7  TYR A HB2  1 
ATOM 108 H HB3  . TYR A 1 7  ? -6.081  2.561   -3.116  1.00 0.00 ? 7  TYR A HB3  1 
ATOM 109 H HD1  . TYR A 1 7  ? -4.787  4.415   -5.542  1.00 0.00 ? 7  TYR A HD1  1 
ATOM 110 H HD2  . TYR A 1 7  ? -8.320  2.000   -5.007  1.00 0.00 ? 7  TYR A HD2  1 
ATOM 111 H HE1  . TYR A 1 7  ? -5.989  5.795   -7.165  1.00 0.00 ? 7  TYR A HE1  1 
ATOM 112 H HE2  . TYR A 1 7  ? -9.507  3.403   -6.626  1.00 0.00 ? 7  TYR A HE2  1 
ATOM 113 H HH   . TYR A 1 7  ? -9.390  5.134   -8.008  1.00 0.00 ? 7  TYR A HH   1 
ATOM 114 N N    . LEU A 1 8  ? -4.067  -0.072  -2.751  1.00 0.00 ? 8  LEU A N    1 
ATOM 115 C CA   . LEU A 1 8  ? -3.640  -0.964  -1.637  1.00 0.00 ? 8  LEU A CA   1 
ATOM 116 C C    . LEU A 1 8  ? -2.117  -1.242  -1.499  1.00 0.00 ? 8  LEU A C    1 
ATOM 117 O O    . LEU A 1 8  ? -1.705  -1.640  -0.404  1.00 0.00 ? 8  LEU A O    1 
ATOM 118 C CB   . LEU A 1 8  ? -4.462  -2.284  -1.658  1.00 0.00 ? 8  LEU A CB   1 
ATOM 119 C CG   . LEU A 1 8  ? -5.957  -2.154  -1.248  1.00 0.00 ? 8  LEU A CG   1 
ATOM 120 C CD1  . LEU A 1 8  ? -6.766  -3.378  -1.716  1.00 0.00 ? 8  LEU A CD1  1 
ATOM 121 C CD2  . LEU A 1 8  ? -6.143  -1.950  0.271   1.00 0.00 ? 8  LEU A CD2  1 
ATOM 122 H H    . LEU A 1 8  ? -4.723  -0.375  -3.470  1.00 0.00 ? 8  LEU A H    1 
ATOM 123 H HA   . LEU A 1 8  ? -3.874  -0.411  -0.713  1.00 0.00 ? 8  LEU A HA   1 
ATOM 124 H HB2  . LEU A 1 8  ? -4.381  -2.728  -2.671  1.00 0.00 ? 8  LEU A HB2  1 
ATOM 125 H HB3  . LEU A 1 8  ? -3.993  -3.041  -0.998  1.00 0.00 ? 8  LEU A HB3  1 
ATOM 126 H HG   . LEU A 1 8  ? -6.375  -1.266  -1.756  1.00 0.00 ? 8  LEU A HG   1 
ATOM 127 H HD11 . LEU A 1 8  ? -6.425  -4.313  -1.232  1.00 0.00 ? 8  LEU A HD11 1 
ATOM 128 H HD12 . LEU A 1 8  ? -7.844  -3.266  -1.492  1.00 0.00 ? 8  LEU A HD12 1 
ATOM 129 H HD13 . LEU A 1 8  ? -6.684  -3.528  -2.807  1.00 0.00 ? 8  LEU A HD13 1 
ATOM 130 H HD21 . LEU A 1 8  ? -5.624  -1.045  0.636   1.00 0.00 ? 8  LEU A HD21 1 
ATOM 131 H HD22 . LEU A 1 8  ? -7.210  -1.829  0.538   1.00 0.00 ? 8  LEU A HD22 1 
ATOM 132 H HD23 . LEU A 1 8  ? -5.754  -2.806  0.855   1.00 0.00 ? 8  LEU A HD23 1 
ATOM 133 N N    . ASP A 1 9  ? -1.287  -1.046  -2.554  1.00 0.00 ? 9  ASP A N    1 
ATOM 134 C CA   . ASP A 1 9  ? 0.189   -1.228  -2.486  1.00 0.00 ? 9  ASP A CA   1 
ATOM 135 C C    . ASP A 1 9  ? 0.770   -0.279  -1.389  1.00 0.00 ? 9  ASP A C    1 
ATOM 136 O O    . ASP A 1 9  ? 1.295   -0.753  -0.381  1.00 0.00 ? 9  ASP A O    1 
ATOM 137 C CB   . ASP A 1 9  ? 0.799   -1.016  -3.900  1.00 0.00 ? 9  ASP A CB   1 
ATOM 138 C CG   . ASP A 1 9  ? 2.284   -1.383  -4.018  1.00 0.00 ? 9  ASP A CG   1 
ATOM 139 O OD1  . ASP A 1 9  ? 3.191   -0.550  -4.014  1.00 0.00 ? 9  ASP A OD1  1 
ATOM 140 O OD2  . ASP A 1 9  ? 2.479   -2.736  -4.122  1.00 0.00 ? 9  ASP A OD2  1 
ATOM 141 H H    . ASP A 1 9  ? -1.747  -0.798  -3.432  1.00 0.00 ? 9  ASP A H    1 
ATOM 142 H HA   . ASP A 1 9  ? 0.369   -2.272  -2.190  1.00 0.00 ? 9  ASP A HA   1 
ATOM 143 H HB2  . ASP A 1 9  ? 0.236   -1.605  -4.643  1.00 0.00 ? 9  ASP A HB2  1 
ATOM 144 H HB3  . ASP A 1 9  ? 0.662   0.033   -4.227  1.00 0.00 ? 9  ASP A HB3  1 
ATOM 145 H HD2  . ASP A 1 9  ? 1.650   -3.221  -4.105  1.00 0.00 ? 9  ASP A HD2  1 
ATOM 146 N N    . LYS A 1 10 ? 0.575   1.039   -1.571  1.00 0.00 ? 10 LYS A N    1 
ATOM 147 C CA   . LYS A 1 10 ? 1.005   2.080   -0.610  1.00 0.00 ? 10 LYS A CA   1 
ATOM 148 C C    . LYS A 1 10 ? 0.153   2.154   0.697   1.00 0.00 ? 10 LYS A C    1 
ATOM 149 O O    . LYS A 1 10 ? 0.697   2.654   1.686   1.00 0.00 ? 10 LYS A O    1 
ATOM 150 C CB   . LYS A 1 10 ? 1.103   3.467   -1.309  1.00 0.00 ? 10 LYS A CB   1 
ATOM 151 C CG   . LYS A 1 10 ? 2.287   3.689   -2.284  1.00 0.00 ? 10 LYS A CG   1 
ATOM 152 C CD   . LYS A 1 10 ? 2.162   3.015   -3.667  1.00 0.00 ? 10 LYS A CD   1 
ATOM 153 C CE   . LYS A 1 10 ? 3.320   3.371   -4.615  1.00 0.00 ? 10 LYS A CE   1 
ATOM 154 N NZ   . LYS A 1 10 ? 3.184   2.683   -5.911  1.00 0.00 ? 10 LYS A NZ   1 
ATOM 155 H H    . LYS A 1 10 ? 0.279   1.260   -2.523  1.00 0.00 ? 10 LYS A H    1 
ATOM 156 H HA   . LYS A 1 10 ? 2.008   1.790   -0.260  1.00 0.00 ? 10 LYS A HA   1 
ATOM 157 H HB2  . LYS A 1 10 ? 0.147   3.720   -1.807  1.00 0.00 ? 10 LYS A HB2  1 
ATOM 158 H HB3  . LYS A 1 10 ? 1.211   4.242   -0.529  1.00 0.00 ? 10 LYS A HB3  1 
ATOM 159 H HG2  . LYS A 1 10 ? 2.392   4.779   -2.439  1.00 0.00 ? 10 LYS A HG2  1 
ATOM 160 H HG3  . LYS A 1 10 ? 3.229   3.376   -1.796  1.00 0.00 ? 10 LYS A HG3  1 
ATOM 161 H HD2  . LYS A 1 10 ? 2.130   1.918   -3.543  1.00 0.00 ? 10 LYS A HD2  1 
ATOM 162 H HD3  . LYS A 1 10 ? 1.197   3.299   -4.130  1.00 0.00 ? 10 LYS A HD3  1 
ATOM 163 H HE2  . LYS A 1 10 ? 3.359   4.462   -4.787  1.00 0.00 ? 10 LYS A HE2  1 
ATOM 164 H HE3  . LYS A 1 10 ? 4.290   3.094   -4.160  1.00 0.00 ? 10 LYS A HE3  1 
ATOM 165 H HZ1  . LYS A 1 10 ? 3.218   1.666   -5.774  1.00 0.00 ? 10 LYS A HZ1  1 
ATOM 166 H HZ2  . LYS A 1 10 ? 3.984   2.906   -6.514  1.00 0.00 ? 10 LYS A HZ2  1 
ATOM 167 N N    . LEU A 1 11 ? -1.127  1.687   0.754   1.00 0.00 ? 11 LEU A N    1 
ATOM 168 C CA   . LEU A 1 11 ? -1.929  1.705   2.009   1.00 0.00 ? 11 LEU A CA   1 
ATOM 169 C C    . LEU A 1 11 ? -1.308  0.761   3.082   1.00 0.00 ? 11 LEU A C    1 
ATOM 170 O O    . LEU A 1 11 ? -0.981  1.231   4.174   1.00 0.00 ? 11 LEU A O    1 
ATOM 171 C CB   . LEU A 1 11 ? -3.441  1.434   1.769   1.00 0.00 ? 11 LEU A CB   1 
ATOM 172 C CG   . LEU A 1 11 ? -4.241  2.586   1.096   1.00 0.00 ? 11 LEU A CG   1 
ATOM 173 C CD1  . LEU A 1 11 ? -5.587  2.082   0.539   1.00 0.00 ? 11 LEU A CD1  1 
ATOM 174 C CD2  . LEU A 1 11 ? -4.488  3.777   2.047   1.00 0.00 ? 11 LEU A CD2  1 
ATOM 175 H H    . LEU A 1 11 ? -1.510  1.252   -0.091  1.00 0.00 ? 11 LEU A H    1 
ATOM 176 H HA   . LEU A 1 11 ? -1.848  2.723   2.398   1.00 0.00 ? 11 LEU A HA   1 
ATOM 177 H HB2  . LEU A 1 11 ? -3.538  0.501   1.183   1.00 0.00 ? 11 LEU A HB2  1 
ATOM 178 H HB3  . LEU A 1 11 ? -3.932  1.192   2.733   1.00 0.00 ? 11 LEU A HB3  1 
ATOM 179 H HG   . LEU A 1 11 ? -3.652  2.964   0.242   1.00 0.00 ? 11 LEU A HG   1 
ATOM 180 H HD11 . LEU A 1 11 ? -6.240  1.673   1.332   1.00 0.00 ? 11 LEU A HD11 1 
ATOM 181 H HD12 . LEU A 1 11 ? -5.446  1.284   -0.212  1.00 0.00 ? 11 LEU A HD12 1 
ATOM 182 H HD13 . LEU A 1 11 ? -6.149  2.889   0.032   1.00 0.00 ? 11 LEU A HD13 1 
ATOM 183 H HD21 . LEU A 1 11 ? -5.049  4.589   1.547   1.00 0.00 ? 11 LEU A HD21 1 
ATOM 184 H HD22 . LEU A 1 11 ? -5.068  3.482   2.942   1.00 0.00 ? 11 LEU A HD22 1 
ATOM 185 H HD23 . LEU A 1 11 ? -3.544  4.226   2.404   1.00 0.00 ? 11 LEU A HD23 1 
ATOM 186 N N    . ASP A 1 12 ? -1.107  -0.533  2.755   1.00 0.00 ? 12 ASP A N    1 
ATOM 187 C CA   . ASP A 1 12 ? -0.477  -1.518  3.668   1.00 0.00 ? 12 ASP A CA   1 
ATOM 188 C C    . ASP A 1 12 ? 1.052   -1.321  3.846   1.00 0.00 ? 12 ASP A C    1 
ATOM 189 O O    . ASP A 1 12 ? 1.521   -1.484  4.977   1.00 0.00 ? 12 ASP A O    1 
ATOM 190 C CB   . ASP A 1 12 ? -0.898  -2.957  3.267   1.00 0.00 ? 12 ASP A CB   1 
ATOM 191 C CG   . ASP A 1 12 ? -0.606  -4.026  4.331   1.00 0.00 ? 12 ASP A CG   1 
ATOM 192 O OD1  . ASP A 1 12 ? -1.358  -4.265  5.276   1.00 0.00 ? 12 ASP A OD1  1 
ATOM 193 O OD2  . ASP A 1 12 ? 0.586   -4.668  4.109   1.00 0.00 ? 12 ASP A OD2  1 
ATOM 194 H H    . ASP A 1 12 ? -1.467  -0.789  1.838   1.00 0.00 ? 12 ASP A H    1 
ATOM 195 H HA   . ASP A 1 12 ? -0.879  -1.280  4.659   1.00 0.00 ? 12 ASP A HA   1 
ATOM 196 H HB2  . ASP A 1 12 ? -1.986  -2.989  3.065   1.00 0.00 ? 12 ASP A HB2  1 
ATOM 197 H HB3  . ASP A 1 12 ? -0.422  -3.241  2.308   1.00 0.00 ? 12 ASP A HB3  1 
ATOM 198 H HD2  . ASP A 1 12 ? 0.766   -5.333  4.779   1.00 0.00 ? 12 ASP A HD2  1 
ATOM 199 N N    . LEU A 1 13 ? 1.825   -0.985  2.788   1.00 0.00 ? 13 LEU A N    1 
ATOM 200 C CA   . LEU A 1 13 ? 3.288   -0.722  2.923   1.00 0.00 ? 13 LEU A CA   1 
ATOM 201 C C    . LEU A 1 13 ? 3.615   0.421   3.938   1.00 0.00 ? 13 LEU A C    1 
ATOM 202 O O    . LEU A 1 13 ? 4.634   0.337   4.620   1.00 0.00 ? 13 LEU A O    1 
ATOM 203 C CB   . LEU A 1 13 ? 3.976   -0.483  1.557   1.00 0.00 ? 13 LEU A CB   1 
ATOM 204 C CG   . LEU A 1 13 ? 4.135   -1.741  0.657   1.00 0.00 ? 13 LEU A CG   1 
ATOM 205 C CD1  . LEU A 1 13 ? 4.604   -1.322  -0.743  1.00 0.00 ? 13 LEU A CD1  1 
ATOM 206 C CD2  . LEU A 1 13 ? 5.098   -2.795  1.240   1.00 0.00 ? 13 LEU A CD2  1 
ATOM 207 H H    . LEU A 1 13 ? 1.351   -0.951  1.884   1.00 0.00 ? 13 LEU A H    1 
ATOM 208 H HA   . LEU A 1 13 ? 3.723   -1.634  3.338   1.00 0.00 ? 13 LEU A HA   1 
ATOM 209 H HB2  . LEU A 1 13 ? 3.424   0.310   1.014   1.00 0.00 ? 13 LEU A HB2  1 
ATOM 210 H HB3  . LEU A 1 13 ? 4.984   -0.052  1.718   1.00 0.00 ? 13 LEU A HB3  1 
ATOM 211 H HG   . LEU A 1 13 ? 3.149   -2.226  0.541   1.00 0.00 ? 13 LEU A HG   1 
ATOM 212 H HD11 . LEU A 1 13 ? 4.655   -2.191  -1.424  1.00 0.00 ? 13 LEU A HD11 1 
ATOM 213 H HD12 . LEU A 1 13 ? 5.604   -0.851  -0.714  1.00 0.00 ? 13 LEU A HD12 1 
ATOM 214 H HD13 . LEU A 1 13 ? 3.907   -0.595  -1.197  1.00 0.00 ? 13 LEU A HD13 1 
ATOM 215 H HD21 . LEU A 1 13 ? 6.100   -2.374  1.442   1.00 0.00 ? 13 LEU A HD21 1 
ATOM 216 H HD22 . LEU A 1 13 ? 4.719   -3.217  2.189   1.00 0.00 ? 13 LEU A HD22 1 
ATOM 217 H HD23 . LEU A 1 13 ? 5.226   -3.652  0.553   1.00 0.00 ? 13 LEU A HD23 1 
ATOM 218 N N    . GLU A 1 14 ? 2.754   1.452   4.046   1.00 0.00 ? 14 GLU A N    1 
ATOM 219 C CA   . GLU A 1 14 ? 2.904   2.565   4.993   1.00 0.00 ? 14 GLU A CA   1 
ATOM 220 C C    . GLU A 1 14 ? 2.215   2.359   6.375   1.00 0.00 ? 14 GLU A C    1 
ATOM 221 O O    . GLU A 1 14 ? 2.667   2.999   7.329   1.00 0.00 ? 14 GLU A O    1 
ATOM 222 C CB   . GLU A 1 14 ? 2.466   3.876   4.319   1.00 0.00 ? 14 GLU A CB   1 
ATOM 223 C CG   . GLU A 1 14 ? 3.337   4.371   3.140   1.00 0.00 ? 14 GLU A CG   1 
ATOM 224 C CD   . GLU A 1 14 ? 2.837   5.691   2.550   1.00 0.00 ? 14 GLU A CD   1 
ATOM 225 O OE1  . GLU A 1 14 ? 3.335   6.784   2.817   1.00 0.00 ? 14 GLU A OE1  1 
ATOM 226 O OE2  . GLU A 1 14 ? 1.777   5.513   1.698   1.00 0.00 ? 14 GLU A OE2  1 
ATOM 227 H H    . GLU A 1 14 ? 2.072   1.533   3.296   1.00 0.00 ? 14 GLU A H    1 
ATOM 228 H HA   . GLU A 1 14 ? 3.957   2.661   5.210   1.00 0.00 ? 14 GLU A HA   1 
ATOM 229 H HB2  . GLU A 1 14 ? 1.431   3.742   3.996   1.00 0.00 ? 14 GLU A HB2  1 
ATOM 230 H HB3  . GLU A 1 14 ? 2.429   4.668   5.078   1.00 0.00 ? 14 GLU A HB3  1 
ATOM 231 H HG2  . GLU A 1 14 ? 4.383   4.499   3.476   1.00 0.00 ? 14 GLU A HG2  1 
ATOM 232 H HG3  . GLU A 1 14 ? 3.376   3.609   2.339   1.00 0.00 ? 14 GLU A HG3  1 
ATOM 233 H HE2  . GLU A 1 14 ? 1.467   6.345   1.331   1.00 0.00 ? 14 GLU A HE2  1 
ATOM 234 N N    . THR A 1 15 ? 1.155   1.526   6.540   1.00 0.00 ? 15 THR A N    1 
ATOM 235 C CA   . THR A 1 15 ? 0.526   1.289   7.860   1.00 0.00 ? 15 THR A CA   1 
ATOM 236 C C    . THR A 1 15 ? 1.428   0.399   8.765   1.00 0.00 ? 15 THR A C    1 
ATOM 237 O O    . THR A 1 15 ? 1.858   0.841   9.834   1.00 0.00 ? 15 THR A O    1 
ATOM 238 C CB   . THR A 1 15 ? -0.935  0.773   7.738   1.00 0.00 ? 15 THR A CB   1 
ATOM 239 O OG1  . THR A 1 15 ? -1.035  -0.348  6.868   1.00 0.00 ? 15 THR A OG1  1 
ATOM 240 C CG2  . THR A 1 15 ? -1.959  1.841   7.316   1.00 0.00 ? 15 THR A CG2  1 
ATOM 241 H H    . THR A 1 15 ? 0.885   0.897   5.779   1.00 0.00 ? 15 THR A H    1 
ATOM 242 H HA   . THR A 1 15 ? 0.463   2.262   8.352   1.00 0.00 ? 15 THR A HA   1 
ATOM 243 H HB   . THR A 1 15 ? -1.233  0.425   8.729   1.00 0.00 ? 15 THR A HB   1 
ATOM 244 H HG1  . THR A 1 15 ? -1.951  -0.631  6.905   1.00 0.00 ? 15 THR A HG1  1 
ATOM 245 H HG21 . THR A 1 15 ? -2.977  1.417   7.242   1.00 0.00 ? 15 THR A HG21 1 
ATOM 246 H HG22 . THR A 1 15 ? -2.005  2.666   8.051   1.00 0.00 ? 15 THR A HG22 1 
ATOM 247 H HG23 . THR A 1 15 ? -1.718  2.293   6.338   1.00 0.00 ? 15 THR A HG23 1 
ATOM 248 N N    . VAL A 1 16 ? 1.729   -0.823  8.300   1.00 0.00 ? 16 VAL A N    1 
ATOM 249 C CA   . VAL A 1 16 ? 2.600   -1.794  8.983   1.00 0.00 ? 16 VAL A CA   1 
ATOM 250 C C    . VAL A 1 16 ? 4.119   -1.747  8.590   1.00 0.00 ? 16 VAL A C    1 
ATOM 251 O O    . VAL A 1 16 ? 4.875   -2.494  9.221   1.00 0.00 ? 16 VAL A O    1 
ATOM 252 C CB   . VAL A 1 16 ? 1.983   -3.228  8.827   1.00 0.00 ? 16 VAL A CB   1 
ATOM 253 C CG1  . VAL A 1 16 ? 0.670   -3.429  9.619   1.00 0.00 ? 16 VAL A CG1  1 
ATOM 254 C CG2  . VAL A 1 16 ? 1.815   -3.754  7.381   1.00 0.00 ? 16 VAL A CG2  1 
ATOM 255 H H    . VAL A 1 16 ? 1.242   -1.118  7.462   1.00 0.00 ? 16 VAL A H    1 
ATOM 256 H HA   . VAL A 1 16 ? 2.566   -1.557  10.054  1.00 0.00 ? 16 VAL A HA   1 
ATOM 257 H HB   . VAL A 1 16 ? 2.702   -3.908  9.297   1.00 0.00 ? 16 VAL A HB   1 
ATOM 258 H HG11 . VAL A 1 16 ? 0.792   -3.153  10.684  1.00 0.00 ? 16 VAL A HG11 1 
ATOM 259 H HG12 . VAL A 1 16 ? -0.157  -2.816  9.216   1.00 0.00 ? 16 VAL A HG12 1 
ATOM 260 H HG13 . VAL A 1 16 ? 0.335   -4.483  9.601   1.00 0.00 ? 16 VAL A HG13 1 
ATOM 261 H HG21 . VAL A 1 16 ? 1.021   -3.212  6.836   1.00 0.00 ? 16 VAL A HG21 1 
ATOM 262 H HG22 . VAL A 1 16 ? 1.544   -4.827  7.364   1.00 0.00 ? 16 VAL A HG22 1 
ATOM 263 H HG23 . VAL A 1 16 ? 2.747   -3.651  6.795   1.00 0.00 ? 16 VAL A HG23 1 
ATOM 264 N N    . ARG A 1 17 ? 4.602   -0.895  7.647   1.00 0.00 ? 17 ARG A N    1 
ATOM 265 C CA   . ARG A 1 17 ? 6.035   -0.866  7.278   1.00 0.00 ? 17 ARG A CA   1 
ATOM 266 C C    . ARG A 1 17 ? 6.624   0.530   6.861   1.00 0.00 ? 17 ARG A C    1 
ATOM 267 O O    . ARG A 1 17 ? 7.517   0.595   6.013   1.00 0.00 ? 17 ARG A O    1 
ATOM 268 C CB   . ARG A 1 17 ? 6.222   -2.126  6.370   1.00 0.00 ? 17 ARG A CB   1 
ATOM 269 C CG   . ARG A 1 17 ? 6.735   -2.029  4.917   1.00 0.00 ? 17 ARG A CG   1 
ATOM 270 C CD   . ARG A 1 17 ? 8.260   -2.202  4.728   1.00 0.00 ? 17 ARG A CD   1 
ATOM 271 N NE   . ARG A 1 17 ? 8.655   -2.205  3.296   1.00 0.00 ? 17 ARG A NE   1 
ATOM 272 C CZ   . ARG A 1 17 ? 8.920   -1.107  2.560   1.00 0.00 ? 17 ARG A CZ   1 
ATOM 273 N NH1  . ARG A 1 17 ? 8.862   0.138   3.030   1.00 0.00 ? 17 ARG A NH1  1 
ATOM 274 N NH2  . ARG A 1 17 ? 9.252   -1.276  1.293   1.00 0.00 ? 17 ARG A NH2  1 
ATOM 275 H H    . ARG A 1 17 ? 3.940   -0.462  7.010   1.00 0.00 ? 17 ARG A H    1 
ATOM 276 H HA   . ARG A 1 17 ? 6.599   -1.086  8.183   1.00 0.00 ? 17 ARG A HA   1 
ATOM 277 H HB2  . ARG A 1 17 ? 6.864   -2.787  6.952   1.00 0.00 ? 17 ARG A HB2  1 
ATOM 278 H HB3  . ARG A 1 17 ? 5.298   -2.738  6.320   1.00 0.00 ? 17 ARG A HB3  1 
ATOM 279 H HG2  . ARG A 1 17 ? 6.224   -2.820  4.341   1.00 0.00 ? 17 ARG A HG2  1 
ATOM 280 H HG3  . ARG A 1 17 ? 6.389   -1.082  4.471   1.00 0.00 ? 17 ARG A HG3  1 
ATOM 281 H HD2  . ARG A 1 17 ? 8.821   -1.434  5.290   1.00 0.00 ? 17 ARG A HD2  1 
ATOM 282 H HD3  . ARG A 1 17 ? 8.575   -3.164  5.173   1.00 0.00 ? 17 ARG A HD3  1 
ATOM 283 H HH11 . ARG A 1 17 ? 8.601   0.245   4.016   1.00 0.00 ? 17 ARG A HH11 1 
ATOM 284 H HH12 . ARG A 1 17 ? 9.085   0.890   2.368   1.00 0.00 ? 17 ARG A HH12 1 
ATOM 285 H HH21 . ARG A 1 17 ? 9.288   -2.243  0.952   1.00 0.00 ? 17 ARG A HH21 1 
ATOM 286 H HH22 . ARG A 1 17 ? 9.447   -0.426  0.752   1.00 0.00 ? 17 ARG A HH22 1 
ATOM 287 N N    . LYS A 1 18 ? 6.203   1.652   7.494   1.00 0.00 ? 18 LYS A N    1 
ATOM 288 C CA   . LYS A 1 18 ? 6.746   3.012   7.192   1.00 0.00 ? 18 LYS A CA   1 
ATOM 289 C C    . LYS A 1 18 ? 8.214   3.239   7.671   1.00 0.00 ? 18 LYS A C    1 
ATOM 290 O O    . LYS A 1 18 ? 9.051   3.668   6.870   1.00 0.00 ? 18 LYS A O    1 
ATOM 291 C CB   . LYS A 1 18 ? 5.779   4.180   7.543   1.00 0.00 ? 18 LYS A CB   1 
ATOM 292 C CG   . LYS A 1 18 ? 5.268   4.301   8.993   1.00 0.00 ? 18 LYS A CG   1 
ATOM 293 C CD   . LYS A 1 18 ? 6.073   5.255   9.904   1.00 0.00 ? 18 LYS A CD   1 
ATOM 294 C CE   . LYS A 1 18 ? 5.661   5.238   11.389  1.00 0.00 ? 18 LYS A CE   1 
ATOM 295 N NZ   . LYS A 1 18 ? 4.336   5.839   11.638  1.00 0.00 ? 18 LYS A NZ   1 
ATOM 296 H H    . LYS A 1 18 ? 5.454   1.527   8.175   1.00 0.00 ? 18 LYS A H    1 
ATOM 297 H HA   . LYS A 1 18 ? 6.775   3.056   6.107   1.00 0.00 ? 18 LYS A HA   1 
ATOM 298 H HB2  . LYS A 1 18 ? 6.216   5.142   7.215   1.00 0.00 ? 18 LYS A HB2  1 
ATOM 299 H HB3  . LYS A 1 18 ? 4.895   4.075   6.889   1.00 0.00 ? 18 LYS A HB3  1 
ATOM 300 H HG2  . LYS A 1 18 ? 4.218   4.658   8.976   1.00 0.00 ? 18 LYS A HG2  1 
ATOM 301 H HG3  . LYS A 1 18 ? 5.240   3.282   9.411   1.00 0.00 ? 18 LYS A HG3  1 
ATOM 302 H HD2  . LYS A 1 18 ? 7.143   4.998   9.851   1.00 0.00 ? 18 LYS A HD2  1 
ATOM 303 H HD3  . LYS A 1 18 ? 6.012   6.285   9.506   1.00 0.00 ? 18 LYS A HD3  1 
ATOM 304 H HE2  . LYS A 1 18 ? 5.678   4.204   11.782  1.00 0.00 ? 18 LYS A HE2  1 
ATOM 305 H HE3  . LYS A 1 18 ? 6.413   5.793   11.980  1.00 0.00 ? 18 LYS A HE3  1 
ATOM 306 H HZ1  . LYS A 1 18 ? 4.136   5.842   12.644  1.00 0.00 ? 18 LYS A HZ1  1 
ATOM 307 H HZ2  . LYS A 1 18 ? 4.338   6.824   11.353  1.00 0.00 ? 18 LYS A HZ2  1 
ATOM 308 N N    . ILE A 1 19 ? 8.519   2.930   8.945   1.00 0.00 ? 19 ILE A N    1 
ATOM 309 C CA   . ILE A 1 19 ? 9.879   3.048   9.534   1.00 0.00 ? 19 ILE A CA   1 
ATOM 310 C C    . ILE A 1 19 ? 10.745  1.793   9.198   1.00 0.00 ? 19 ILE A C    1 
ATOM 311 O O    . ILE A 1 19 ? 11.755  1.923   8.500   1.00 0.00 ? 19 ILE A O    1 
ATOM 312 C CB   . ILE A 1 19 ? 9.835   3.520   11.034  1.00 0.00 ? 19 ILE A CB   1 
ATOM 313 C CG1  . ILE A 1 19 ? 11.231  3.824   11.655  1.00 0.00 ? 19 ILE A CG1  1 
ATOM 314 C CG2  . ILE A 1 19 ? 9.058   2.579   11.984  1.00 0.00 ? 19 ILE A CG2  1 
ATOM 315 C CD1  . ILE A 1 19 ? 12.020  4.964   10.989  1.00 0.00 ? 19 ILE A CD1  1 
ATOM 316 H H    . ILE A 1 19 ? 7.724   2.643   9.511   1.00 0.00 ? 19 ILE A H    1 
ATOM 317 H HA   . ILE A 1 19 ? 10.343  3.885   9.018   1.00 0.00 ? 19 ILE A HA   1 
ATOM 318 H HB   . ILE A 1 19 ? 9.277   4.476   11.045  1.00 0.00 ? 19 ILE A HB   1 
ATOM 319 H HG12 . ILE A 1 19 ? 11.112  4.093   12.721  1.00 0.00 ? 19 ILE A HG12 1 
ATOM 320 H HG13 . ILE A 1 19 ? 11.854  2.910   11.659  1.00 0.00 ? 19 ILE A HG13 1 
ATOM 321 H HG21 . ILE A 1 19 ? 9.571   1.610   12.121  1.00 0.00 ? 19 ILE A HG21 1 
ATOM 322 H HG22 . ILE A 1 19 ? 8.042   2.368   11.605  1.00 0.00 ? 19 ILE A HG22 1 
ATOM 323 H HG23 . ILE A 1 19 ? 8.936   3.033   12.984  1.00 0.00 ? 19 ILE A HG23 1 
ATOM 324 H HD11 . ILE A 1 19 ? 12.292  4.724   9.945   1.00 0.00 ? 19 ILE A HD11 1 
ATOM 325 H HD12 . ILE A 1 19 ? 11.444  5.908   10.979  1.00 0.00 ? 19 ILE A HD12 1 
ATOM 326 H HD13 . ILE A 1 19 ? 12.963  5.161   11.531  1.00 0.00 ? 19 ILE A HD13 1 
ATOM 327 N N    . HIS A 1 20 ? 10.333  0.601   9.665   1.00 0.00 ? 20 HIS A N    1 
ATOM 328 C CA   . HIS A 1 20 ? 11.022  -0.677  9.396   1.00 0.00 ? 20 HIS A CA   1 
ATOM 329 C C    . HIS A 1 20 ? 10.499  -1.295  8.068   1.00 0.00 ? 20 HIS A C    1 
ATOM 330 O O    . HIS A 1 20 ? 9.334   -1.678  7.942   1.00 0.00 ? 20 HIS A O    1 
ATOM 331 C CB   . HIS A 1 20 ? 10.886  -1.611  10.610  1.00 0.00 ? 20 HIS A CB   1 
ATOM 332 C CG   . HIS A 1 20 ? 11.803  -2.828  10.533  1.00 0.00 ? 20 HIS A CG   1 
ATOM 333 N ND1  . HIS A 1 20 ? 13.180  -2.745  10.363  1.00 0.00 ? 20 HIS A ND1  1 
ATOM 334 C CD2  . HIS A 1 20 ? 11.384  -4.170  10.589  1.00 0.00 ? 20 HIS A CD2  1 
ATOM 335 C CE1  . HIS A 1 20 ? 13.470  -4.088  10.333  1.00 0.00 ? 20 HIS A CE1  1 
ATOM 336 N NE2  . HIS A 1 20 ? 12.469  -5.013  10.461  1.00 0.00 ? 20 HIS A NE2  1 
ATOM 337 H H    . HIS A 1 20 ? 9.549   0.660   10.312  1.00 0.00 ? 20 HIS A H    1 
ATOM 338 H HA   . HIS A 1 20 ? 12.089  -0.482  9.357   1.00 0.00 ? 20 HIS A HA   1 
ATOM 339 H HB2  . HIS A 1 20 ? 11.113  -1.070  11.549  1.00 0.00 ? 20 HIS A HB2  1 
ATOM 340 H HB3  . HIS A 1 20 ? 9.837   -1.912  10.690  1.00 0.00 ? 20 HIS A HB3  1 
ATOM 341 H HD2  . HIS A 1 20 ? 10.362  -4.501  10.703  1.00 0.00 ? 20 HIS A HD2  1 
ATOM 342 H HE1  . HIS A 1 20 ? 14.492  -4.415  10.207  1.00 0.00 ? 20 HIS A HE1  1 
ATOM 343 H HE2  . HIS A 1 20 ? 12.512  -6.039  10.453  1.00 0.00 ? 20 HIS A HE2  1 
# 
